data_7CI7
#
_entry.id   7CI7
#
_cell.length_a   35.716
_cell.length_b   67.046
_cell.length_c   63.258
_cell.angle_alpha   90.00
_cell.angle_beta   90.96
_cell.angle_gamma   90.00
#
_symmetry.space_group_name_H-M   'P 1 21 1'
#
loop_
_entity.id
_entity.type
_entity.pdbx_description
1 polymer 'UDP-3-O-acyl-N-acetylglucosamine deacetylase'
2 non-polymer (2R,3R)-2-azanyl-1-[4-[[4-[2-[4-(hydroxymethyl)phenyl]ethynyl]phenyl]methyl]piperidin-1-yl]-4-methylsulfonyl-3-oxidanyl-butan-1-one
3 non-polymer 'ZINC ION'
4 water water
#
_entity_poly.entity_id   1
_entity_poly.type   'polypeptide(L)'
_entity_poly.pdbx_seq_one_letter_code
;MIKQRTLKNIIRATGVGLHSGEKVYLTLKPAPVDTGIVFSRTDLDPVVEIPARAENVGETTMSTTLVKGDVKVDTVEHLL
SAMAGLGIDNAYVELSASEVPIMDGSAGPFVFLIQSAGLQEQEAAKKFIRIKREVSVEEGDKRAVFVPFDGFKVSFEIDF
DHPVFRGRTQQASVDFSSTSFVKEVSRARTFGFMRDIEYLRSQNLALGGSVENAIVVDENRVLNEDGLRYEDEFVKHKIL
DAIGDLYLLGNSLIGEFRGFKSGHALNNQLLRTLIADKDAWEVVTFEDARTAPISYMRP
;
_entity_poly.pdbx_strand_id   A
#
loop_
_chem_comp.id
_chem_comp.type
_chem_comp.name
_chem_comp.formula
FY9 non-polymer (2R,3R)-2-azanyl-1-[4-[[4-[2-[4-(hydroxymethyl)phenyl]ethynyl]phenyl]methyl]piperidin-1-yl]-4-methylsulfonyl-3-oxidanyl-butan-1-one 'C26 H32 N2 O5 S'
ZN non-polymer 'ZINC ION' 'Zn 2'
#
# COMPACT_ATOMS: atom_id res chain seq x y z
N MET A 1 -13.81 1.82 22.88
CA MET A 1 -12.45 1.99 22.27
C MET A 1 -12.55 1.88 20.75
N ILE A 2 -11.58 2.44 20.01
CA ILE A 2 -11.33 1.98 18.62
C ILE A 2 -10.77 0.55 18.73
N LYS A 3 -11.51 -0.44 18.25
CA LYS A 3 -11.18 -1.88 18.37
C LYS A 3 -10.34 -2.36 17.19
N GLN A 4 -9.56 -3.41 17.41
CA GLN A 4 -8.82 -4.08 16.30
C GLN A 4 -9.83 -4.67 15.32
N ARG A 5 -9.42 -4.80 14.06
CA ARG A 5 -10.29 -5.35 12.97
C ARG A 5 -9.58 -6.48 12.23
N THR A 6 -10.38 -7.48 11.87
CA THR A 6 -10.00 -8.56 10.94
C THR A 6 -11.14 -8.75 9.92
N LEU A 7 -11.02 -9.78 9.09
CA LEU A 7 -12.06 -10.14 8.11
C LEU A 7 -13.14 -10.96 8.83
N LYS A 8 -14.37 -10.82 8.39
CA LYS A 8 -15.55 -11.58 8.88
C LYS A 8 -15.57 -12.95 8.17
N ASN A 9 -15.17 -13.00 6.91
CA ASN A 9 -15.18 -14.24 6.07
C ASN A 9 -13.86 -14.31 5.32
N ILE A 10 -13.51 -15.47 4.78
CA ILE A 10 -12.33 -15.56 3.87
C ILE A 10 -12.72 -14.98 2.51
N ILE A 11 -11.70 -14.49 1.81
CA ILE A 11 -11.80 -13.87 0.47
C ILE A 11 -10.88 -14.66 -0.42
N ARG A 12 -11.39 -15.15 -1.54
CA ARG A 12 -10.59 -15.83 -2.59
C ARG A 12 -10.64 -14.90 -3.79
N ALA A 13 -9.52 -14.67 -4.44
CA ALA A 13 -9.48 -13.95 -5.72
C ALA A 13 -8.36 -14.57 -6.53
N THR A 14 -8.41 -14.41 -7.85
CA THR A 14 -7.30 -14.82 -8.75
C THR A 14 -6.95 -13.60 -9.59
N GLY A 15 -5.70 -13.54 -10.07
CA GLY A 15 -5.22 -12.46 -10.95
C GLY A 15 -3.89 -12.82 -11.57
N VAL A 16 -3.20 -11.82 -12.12
CA VAL A 16 -1.92 -12.04 -12.81
C VAL A 16 -0.85 -11.23 -12.07
N GLY A 17 0.32 -11.83 -11.89
CA GLY A 17 1.52 -11.09 -11.51
C GLY A 17 1.89 -10.09 -12.60
N LEU A 18 2.07 -8.82 -12.26
CA LEU A 18 2.45 -7.80 -13.25
C LEU A 18 3.72 -8.25 -13.98
N HIS A 19 4.78 -8.64 -13.29
CA HIS A 19 6.06 -8.97 -13.98
C HIS A 19 6.10 -10.42 -14.41
N SER A 20 5.59 -11.34 -13.61
CA SER A 20 5.70 -12.78 -13.96
C SER A 20 4.77 -13.12 -15.11
N GLY A 21 3.57 -12.53 -15.16
CA GLY A 21 2.49 -13.01 -16.06
C GLY A 21 1.80 -14.27 -15.51
N GLU A 22 2.24 -14.81 -14.38
CA GLU A 22 1.64 -16.03 -13.77
C GLU A 22 0.25 -15.70 -13.18
N LYS A 23 -0.73 -16.58 -13.41
CA LYS A 23 -1.99 -16.64 -12.62
C LYS A 23 -1.61 -16.87 -11.15
N VAL A 24 -2.16 -16.08 -10.23
CA VAL A 24 -1.93 -16.27 -8.78
C VAL A 24 -3.29 -16.31 -8.09
N TYR A 25 -3.45 -17.28 -7.20
CA TYR A 25 -4.64 -17.47 -6.35
C TYR A 25 -4.31 -16.81 -5.00
N LEU A 26 -5.25 -16.03 -4.52
CA LEU A 26 -5.12 -15.19 -3.32
C LEU A 26 -6.24 -15.60 -2.38
N THR A 27 -5.91 -15.96 -1.15
CA THR A 27 -6.86 -16.16 -0.06
C THR A 27 -6.51 -15.24 1.10
N LEU A 28 -7.47 -14.40 1.49
CA LEU A 28 -7.37 -13.59 2.72
C LEU A 28 -8.20 -14.31 3.78
N LYS A 29 -7.62 -14.49 4.97
CA LYS A 29 -8.28 -15.15 6.11
C LYS A 29 -8.29 -14.25 7.34
N PRO A 30 -9.32 -14.36 8.20
CA PRO A 30 -9.28 -13.74 9.52
C PRO A 30 -7.99 -14.17 10.23
N ALA A 31 -7.49 -13.32 11.11
CA ALA A 31 -6.32 -13.61 11.97
C ALA A 31 -6.59 -13.12 13.38
N PRO A 32 -6.02 -13.77 14.43
CA PRO A 32 -6.17 -13.29 15.80
C PRO A 32 -5.62 -11.87 15.98
N VAL A 33 -6.04 -11.27 17.09
CA VAL A 33 -5.53 -9.99 17.65
C VAL A 33 -4.01 -9.98 17.69
N ASP A 34 -3.42 -8.87 17.24
CA ASP A 34 -1.97 -8.57 17.24
C ASP A 34 -1.21 -9.52 16.31
N THR A 35 -1.86 -10.10 15.30
CA THR A 35 -1.17 -10.86 14.25
C THR A 35 -0.49 -9.88 13.28
N GLY A 36 -1.20 -8.81 12.94
CA GLY A 36 -0.82 -7.93 11.81
C GLY A 36 -1.19 -8.57 10.48
N ILE A 37 -0.62 -8.07 9.38
CA ILE A 37 -0.79 -8.70 8.06
C ILE A 37 0.38 -9.64 7.84
N VAL A 38 0.10 -10.93 7.60
CA VAL A 38 1.14 -11.96 7.39
C VAL A 38 0.89 -12.56 6.00
N PHE A 39 1.88 -12.47 5.10
CA PHE A 39 1.82 -13.10 3.77
C PHE A 39 2.32 -14.55 3.87
N SER A 40 1.68 -15.50 3.19
CA SER A 40 2.05 -16.94 3.20
C SER A 40 2.13 -17.48 1.77
N ARG A 41 3.29 -18.01 1.41
CA ARG A 41 3.50 -18.66 0.09
C ARG A 41 2.99 -20.10 0.23
N THR A 42 1.73 -20.36 -0.14
CA THR A 42 1.10 -21.70 0.09
C THR A 42 1.47 -22.64 -1.06
N ASP A 43 2.27 -22.20 -2.00
CA ASP A 43 2.71 -23.08 -3.11
C ASP A 43 3.88 -23.93 -2.61
N LEU A 44 4.54 -23.53 -1.53
CA LEU A 44 5.76 -24.20 -1.04
C LEU A 44 5.40 -25.15 0.09
N ASP A 45 6.22 -26.20 0.27
CA ASP A 45 6.11 -27.21 1.36
C ASP A 45 7.45 -27.32 2.07
N PRO A 46 7.59 -26.84 3.33
CA PRO A 46 6.51 -26.16 4.05
C PRO A 46 6.11 -24.76 3.51
N VAL A 47 4.97 -24.24 3.94
CA VAL A 47 4.50 -22.87 3.60
C VAL A 47 5.50 -21.88 4.23
N VAL A 48 5.74 -20.74 3.58
CA VAL A 48 6.66 -19.67 4.08
C VAL A 48 5.81 -18.42 4.33
N GLU A 49 5.75 -18.01 5.60
CA GLU A 49 5.01 -16.82 6.10
C GLU A 49 6.02 -15.68 6.31
N ILE A 50 5.68 -14.47 5.88
CA ILE A 50 6.51 -13.25 5.99
C ILE A 50 5.59 -12.16 6.49
N PRO A 51 5.69 -11.78 7.78
CA PRO A 51 4.94 -10.64 8.32
C PRO A 51 5.22 -9.42 7.44
N ALA A 52 4.18 -8.63 7.17
CA ALA A 52 4.28 -7.41 6.34
C ALA A 52 4.83 -6.29 7.21
N ARG A 53 6.14 -6.33 7.50
CA ARG A 53 6.83 -5.37 8.40
C ARG A 53 8.06 -4.80 7.69
N ALA A 54 8.44 -3.58 8.07
CA ALA A 54 9.54 -2.83 7.45
C ALA A 54 10.80 -3.70 7.42
N GLU A 55 11.02 -4.45 8.49
CA GLU A 55 12.23 -5.30 8.69
C GLU A 55 12.29 -6.44 7.66
N ASN A 56 11.20 -6.82 7.00
CA ASN A 56 11.17 -7.98 6.06
C ASN A 56 11.22 -7.50 4.61
N VAL A 57 11.36 -6.19 4.39
CA VAL A 57 11.39 -5.62 3.02
C VAL A 57 12.75 -5.94 2.40
N GLY A 58 12.76 -6.51 1.21
CA GLY A 58 13.99 -6.96 0.54
C GLY A 58 14.33 -6.01 -0.58
N GLU A 59 13.51 -5.98 -1.61
CA GLU A 59 13.76 -5.19 -2.85
C GLU A 59 12.69 -4.10 -2.94
N THR A 60 13.12 -2.93 -3.38
CA THR A 60 12.32 -1.69 -3.46
C THR A 60 12.62 -1.03 -4.79
N THR A 61 13.13 -1.80 -5.76
CA THR A 61 13.64 -1.24 -7.03
C THR A 61 12.44 -0.92 -7.93
N MET A 62 11.38 -1.73 -7.86
CA MET A 62 10.20 -1.52 -8.74
C MET A 62 8.89 -1.48 -7.93
N SER A 63 8.82 -2.17 -6.80
CA SER A 63 7.66 -2.18 -5.89
C SER A 63 8.18 -2.52 -4.49
N THR A 64 7.32 -2.79 -3.53
CA THR A 64 7.78 -3.28 -2.22
C THR A 64 7.71 -4.81 -2.22
N THR A 65 8.86 -5.44 -1.98
CA THR A 65 9.04 -6.90 -1.92
C THR A 65 9.43 -7.34 -0.50
N LEU A 66 8.69 -8.29 0.05
CA LEU A 66 9.07 -9.00 1.30
C LEU A 66 9.96 -10.21 0.96
N VAL A 67 10.95 -10.47 1.82
CA VAL A 67 11.93 -11.57 1.66
C VAL A 67 12.13 -12.26 3.00
N LYS A 68 12.24 -13.58 2.92
CA LYS A 68 12.71 -14.47 3.99
C LYS A 68 13.51 -15.58 3.31
N GLY A 69 14.81 -15.63 3.57
CA GLY A 69 15.73 -16.52 2.87
C GLY A 69 15.68 -16.25 1.39
N ASP A 70 15.46 -17.27 0.58
CA ASP A 70 15.42 -17.13 -0.89
C ASP A 70 13.97 -16.95 -1.34
N VAL A 71 13.05 -16.76 -0.40
CA VAL A 71 11.59 -16.67 -0.71
C VAL A 71 11.17 -15.21 -0.73
N LYS A 72 10.43 -14.80 -1.77
CA LYS A 72 9.95 -13.41 -1.97
C LYS A 72 8.42 -13.37 -2.01
N VAL A 73 7.88 -12.22 -1.65
CA VAL A 73 6.51 -11.81 -2.05
C VAL A 73 6.61 -10.42 -2.66
N ASP A 74 6.37 -10.29 -3.97
CA ASP A 74 6.52 -9.00 -4.71
C ASP A 74 5.19 -8.25 -4.67
N THR A 75 5.27 -6.92 -4.69
CA THR A 75 4.18 -5.97 -5.02
C THR A 75 3.12 -6.09 -3.93
N VAL A 76 3.52 -5.87 -2.68
CA VAL A 76 2.59 -5.95 -1.54
C VAL A 76 1.81 -4.63 -1.37
N GLU A 77 2.23 -3.55 -2.04
CA GLU A 77 1.88 -2.18 -1.60
C GLU A 77 0.41 -1.84 -1.91
N HIS A 78 -0.19 -2.37 -2.98
CA HIS A 78 -1.62 -2.02 -3.26
C HIS A 78 -2.50 -2.74 -2.24
N LEU A 79 -2.20 -4.00 -1.93
CA LEU A 79 -3.08 -4.80 -1.05
C LEU A 79 -2.96 -4.19 0.34
N LEU A 80 -1.74 -3.84 0.74
CA LEU A 80 -1.46 -3.20 2.04
C LEU A 80 -2.17 -1.85 2.11
N SER A 81 -2.17 -1.10 1.02
CA SER A 81 -2.88 0.20 0.96
C SER A 81 -4.39 0.01 1.26
N ALA A 82 -4.98 -1.03 0.67
CA ALA A 82 -6.40 -1.43 0.89
C ALA A 82 -6.66 -1.71 2.37
N MET A 83 -5.77 -2.49 2.98
CA MET A 83 -5.87 -2.94 4.40
C MET A 83 -5.81 -1.73 5.33
N ALA A 84 -4.90 -0.81 5.03
CA ALA A 84 -4.68 0.43 5.80
C ALA A 84 -5.94 1.29 5.67
N GLY A 85 -6.37 1.51 4.43
CA GLY A 85 -7.53 2.34 4.10
C GLY A 85 -8.78 1.84 4.80
N LEU A 86 -8.94 0.54 5.00
CA LEU A 86 -10.16 -0.02 5.64
C LEU A 86 -9.93 -0.31 7.12
N GLY A 87 -8.74 -0.08 7.66
CA GLY A 87 -8.44 -0.31 9.08
C GLY A 87 -8.34 -1.78 9.45
N ILE A 88 -7.86 -2.63 8.56
CA ILE A 88 -7.64 -4.08 8.86
C ILE A 88 -6.30 -4.23 9.58
N ASP A 89 -6.36 -4.62 10.85
CA ASP A 89 -5.17 -4.91 11.70
C ASP A 89 -4.59 -6.30 11.37
N ASN A 90 -5.45 -7.31 11.30
CA ASN A 90 -5.05 -8.73 11.39
C ASN A 90 -5.64 -9.51 10.22
N ALA A 91 -4.80 -10.18 9.44
CA ALA A 91 -5.21 -10.98 8.26
C ALA A 91 -4.05 -11.88 7.83
N TYR A 92 -4.35 -13.11 7.45
CA TYR A 92 -3.40 -13.95 6.68
C TYR A 92 -3.76 -13.77 5.22
N VAL A 93 -2.74 -13.46 4.44
CA VAL A 93 -2.79 -13.31 2.97
C VAL A 93 -2.03 -14.49 2.40
N GLU A 94 -2.73 -15.50 1.90
CA GLU A 94 -2.09 -16.67 1.23
C GLU A 94 -1.95 -16.38 -0.27
N LEU A 95 -0.78 -16.66 -0.84
CA LEU A 95 -0.52 -16.59 -2.30
C LEU A 95 0.04 -17.91 -2.81
N SER A 96 -0.26 -18.22 -4.07
CA SER A 96 0.19 -19.44 -4.78
C SER A 96 1.44 -19.13 -5.61
N ALA A 97 2.03 -17.95 -5.48
CA ALA A 97 3.20 -17.51 -6.27
C ALA A 97 3.81 -16.27 -5.62
N SER A 98 4.97 -15.86 -6.11
CA SER A 98 5.87 -14.88 -5.44
C SER A 98 5.37 -13.44 -5.59
N GLU A 99 4.26 -13.22 -6.29
CA GLU A 99 3.77 -11.86 -6.65
C GLU A 99 2.28 -11.75 -6.35
N VAL A 100 1.87 -10.76 -5.55
CA VAL A 100 0.43 -10.38 -5.39
C VAL A 100 -0.11 -10.04 -6.78
N PRO A 101 -1.34 -10.50 -7.12
CA PRO A 101 -1.93 -10.17 -8.41
C PRO A 101 -2.20 -8.67 -8.52
N ILE A 102 -1.96 -8.13 -9.71
CA ILE A 102 -2.07 -6.68 -10.02
C ILE A 102 -3.53 -6.26 -10.09
N MET A 103 -4.47 -7.16 -10.40
CA MET A 103 -5.92 -6.83 -10.57
C MET A 103 -6.03 -5.72 -11.65
N ASP A 104 -6.65 -4.57 -11.38
CA ASP A 104 -6.77 -3.48 -12.37
C ASP A 104 -5.63 -2.46 -12.21
N GLY A 105 -4.63 -2.74 -11.36
CA GLY A 105 -3.50 -1.83 -11.08
C GLY A 105 -3.78 -0.86 -9.95
N SER A 106 -4.97 -0.94 -9.35
CA SER A 106 -5.37 -0.06 -8.22
C SER A 106 -5.66 -0.94 -6.99
N ALA A 107 -6.22 -0.33 -5.95
CA ALA A 107 -6.60 -1.00 -4.70
C ALA A 107 -8.12 -1.25 -4.73
N GLY A 108 -8.82 -0.82 -5.77
CA GLY A 108 -10.30 -0.85 -5.85
C GLY A 108 -10.84 -2.29 -5.76
N PRO A 109 -10.33 -3.22 -6.59
CA PRO A 109 -10.75 -4.62 -6.52
C PRO A 109 -10.55 -5.19 -5.11
N PHE A 110 -9.43 -4.86 -4.46
CA PHE A 110 -9.16 -5.32 -3.07
C PHE A 110 -10.15 -4.68 -2.08
N VAL A 111 -10.46 -3.38 -2.18
CA VAL A 111 -11.37 -2.79 -1.15
C VAL A 111 -12.78 -3.37 -1.37
N PHE A 112 -13.15 -3.65 -2.62
CA PHE A 112 -14.47 -4.29 -2.90
C PHE A 112 -14.51 -5.71 -2.31
N LEU A 113 -13.51 -6.53 -2.61
CA LEU A 113 -13.46 -7.95 -2.15
C LEU A 113 -13.52 -7.95 -0.62
N ILE A 114 -12.68 -7.16 0.05
CA ILE A 114 -12.64 -7.05 1.55
C ILE A 114 -14.02 -6.63 2.08
N GLN A 115 -14.61 -5.56 1.55
CA GLN A 115 -15.90 -5.04 2.06
C GLN A 115 -17.05 -5.98 1.72
N SER A 116 -16.91 -6.80 0.66
CA SER A 116 -17.87 -7.86 0.31
C SER A 116 -17.88 -8.93 1.41
N ALA A 117 -16.69 -9.39 1.80
CA ALA A 117 -16.49 -10.36 2.90
C ALA A 117 -16.89 -9.76 4.25
N GLY A 118 -16.71 -8.45 4.43
CA GLY A 118 -17.05 -7.74 5.66
C GLY A 118 -15.92 -7.75 6.67
N LEU A 119 -15.98 -6.85 7.65
CA LEU A 119 -14.97 -6.71 8.72
C LEU A 119 -15.54 -7.26 10.04
N GLN A 120 -14.66 -7.66 10.94
CA GLN A 120 -15.02 -8.15 12.29
C GLN A 120 -14.21 -7.35 13.29
N GLU A 121 -14.86 -6.59 14.16
CA GLU A 121 -14.18 -5.94 15.29
C GLU A 121 -13.84 -7.00 16.33
N GLN A 122 -12.66 -6.87 16.94
CA GLN A 122 -12.07 -7.87 17.85
C GLN A 122 -11.91 -7.19 19.21
N GLU A 123 -11.80 -7.97 20.27
CA GLU A 123 -12.00 -7.41 21.62
C GLU A 123 -10.64 -6.96 22.17
N ALA A 124 -9.86 -6.22 21.37
CA ALA A 124 -8.63 -5.54 21.84
C ALA A 124 -8.58 -4.14 21.23
N ALA A 125 -7.90 -3.23 21.91
CA ALA A 125 -7.69 -1.86 21.44
C ALA A 125 -6.79 -1.90 20.19
N LYS A 126 -7.13 -1.06 19.22
CA LYS A 126 -6.31 -0.85 18.02
C LYS A 126 -5.13 0.04 18.39
N LYS A 127 -3.93 -0.40 18.00
CA LYS A 127 -2.64 0.28 18.25
C LYS A 127 -2.36 1.19 17.06
N PHE A 128 -1.96 2.41 17.36
CA PHE A 128 -1.60 3.45 16.38
C PHE A 128 -0.16 3.87 16.65
N ILE A 129 0.59 4.10 15.59
CA ILE A 129 1.91 4.76 15.67
C ILE A 129 1.69 6.26 15.52
N ARG A 130 1.94 7.03 16.58
CA ARG A 130 1.77 8.50 16.61
C ARG A 130 3.11 9.17 16.34
N ILE A 131 3.19 9.98 15.30
CA ILE A 131 4.40 10.78 14.98
C ILE A 131 4.47 11.92 16.00
N LYS A 132 5.59 12.03 16.74
CA LYS A 132 5.72 13.12 17.74
C LYS A 132 6.92 14.01 17.44
N ARG A 133 7.82 13.65 16.53
CA ARG A 133 8.83 14.58 15.99
C ARG A 133 8.88 14.45 14.48
N GLU A 134 9.29 15.52 13.79
CA GLU A 134 9.54 15.48 12.33
C GLU A 134 10.69 14.52 12.05
N VAL A 135 10.50 13.64 11.07
CA VAL A 135 11.52 12.68 10.54
C VAL A 135 11.52 12.86 9.03
N SER A 136 12.65 13.26 8.49
CA SER A 136 12.89 13.56 7.08
C SER A 136 14.01 12.66 6.56
N VAL A 137 13.85 12.07 5.39
CA VAL A 137 14.99 11.44 4.67
C VAL A 137 15.09 12.08 3.29
N GLU A 138 16.30 12.28 2.84
CA GLU A 138 16.53 12.82 1.49
C GLU A 138 17.52 11.90 0.80
N GLU A 139 17.37 11.77 -0.51
CA GLU A 139 18.45 11.24 -1.37
C GLU A 139 18.39 11.99 -2.71
N GLY A 140 19.40 12.82 -2.97
CA GLY A 140 19.40 13.83 -4.06
C GLY A 140 18.24 14.80 -3.89
N ASP A 141 17.39 14.92 -4.92
CA ASP A 141 16.23 15.85 -4.95
C ASP A 141 14.95 15.12 -4.49
N LYS A 142 15.06 13.85 -4.07
CA LYS A 142 13.93 13.08 -3.50
C LYS A 142 13.84 13.33 -1.99
N ARG A 143 12.64 13.38 -1.46
CA ARG A 143 12.37 13.66 -0.03
C ARG A 143 11.14 12.88 0.45
N ALA A 144 11.20 12.36 1.66
CA ALA A 144 10.07 11.72 2.37
C ALA A 144 10.11 12.14 3.84
N VAL A 145 8.98 12.59 4.33
CA VAL A 145 8.91 13.25 5.67
C VAL A 145 7.68 12.76 6.40
N PHE A 146 7.85 12.44 7.67
CA PHE A 146 6.75 12.33 8.66
C PHE A 146 6.74 13.62 9.50
N VAL A 147 5.57 14.21 9.69
CA VAL A 147 5.33 15.40 10.53
C VAL A 147 4.22 15.06 11.51
N PRO A 148 4.34 15.51 12.78
CA PRO A 148 3.26 15.35 13.74
C PRO A 148 1.99 15.97 13.16
N PHE A 149 0.87 15.30 13.34
CA PHE A 149 -0.46 15.79 12.91
C PHE A 149 -1.49 14.91 13.58
N ASP A 150 -2.47 15.57 14.17
CA ASP A 150 -3.59 14.99 14.95
C ASP A 150 -4.66 14.48 13.97
N GLY A 151 -4.35 13.38 13.30
CA GLY A 151 -5.16 12.81 12.22
C GLY A 151 -4.29 11.98 11.33
N PHE A 152 -4.69 11.77 10.08
CA PHE A 152 -3.84 11.06 9.11
C PHE A 152 -4.04 11.76 7.79
N LYS A 153 -2.95 12.35 7.28
CA LYS A 153 -2.96 13.01 5.97
C LYS A 153 -1.68 12.69 5.22
N VAL A 154 -1.80 12.69 3.90
CA VAL A 154 -0.72 12.29 2.97
C VAL A 154 -0.72 13.31 1.85
N SER A 155 0.43 13.93 1.60
CA SER A 155 0.66 14.80 0.45
C SER A 155 1.79 14.21 -0.38
N PHE A 156 1.68 14.39 -1.68
CA PHE A 156 2.70 13.91 -2.63
C PHE A 156 2.86 14.90 -3.77
N GLU A 157 4.08 14.96 -4.25
CA GLU A 157 4.46 15.74 -5.44
C GLU A 157 5.43 14.91 -6.29
N ILE A 158 5.10 14.78 -7.56
CA ILE A 158 5.99 14.17 -8.59
C ILE A 158 6.36 15.23 -9.63
N ASP A 159 7.40 14.96 -10.39
CA ASP A 159 7.86 16.00 -11.33
C ASP A 159 8.27 15.36 -12.65
N PHE A 160 7.33 15.12 -13.56
CA PHE A 160 7.80 14.55 -14.83
C PHE A 160 7.72 15.62 -15.91
N ASP A 161 8.84 15.86 -16.63
CA ASP A 161 8.80 16.88 -17.71
C ASP A 161 8.04 16.11 -18.77
N HIS A 162 6.75 16.43 -18.89
CA HIS A 162 5.89 15.54 -19.68
C HIS A 162 4.62 16.27 -20.13
N PRO A 163 4.06 15.94 -21.32
CA PRO A 163 2.86 16.58 -21.84
C PRO A 163 1.52 16.21 -21.20
N VAL A 164 1.39 14.97 -20.74
CA VAL A 164 0.10 14.55 -20.10
C VAL A 164 0.02 15.21 -18.71
N PHE A 165 1.13 15.75 -18.18
CA PHE A 165 1.11 16.73 -17.06
C PHE A 165 1.12 18.14 -17.67
N GLN A 170 2.85 17.52 -10.77
CA GLN A 170 1.50 17.14 -10.26
C GLN A 170 1.61 16.87 -8.74
N GLN A 171 0.69 17.42 -7.97
CA GLN A 171 0.72 17.37 -6.50
C GLN A 171 -0.68 17.11 -6.00
N ALA A 172 -0.83 16.54 -4.81
CA ALA A 172 -2.14 16.30 -4.21
C ALA A 172 -1.97 16.15 -2.71
N SER A 173 -2.97 16.56 -1.97
CA SER A 173 -3.06 16.38 -0.51
C SER A 173 -4.39 15.70 -0.23
N VAL A 174 -4.33 14.74 0.68
CA VAL A 174 -5.51 13.98 1.11
C VAL A 174 -5.46 13.88 2.62
N ASP A 175 -6.53 14.31 3.23
CA ASP A 175 -6.70 14.23 4.69
C ASP A 175 -7.83 13.25 4.88
N PHE A 176 -7.68 12.28 5.77
CA PHE A 176 -8.75 11.28 6.03
C PHE A 176 -9.83 11.82 7.00
N SER A 177 -9.75 13.10 7.38
CA SER A 177 -10.80 13.85 8.11
C SER A 177 -11.92 14.17 7.12
N SER A 178 -11.64 14.41 5.83
CA SER A 178 -12.73 14.69 4.85
C SER A 178 -12.67 13.75 3.63
N THR A 179 -11.48 13.36 3.16
CA THR A 179 -11.30 12.46 1.99
C THR A 179 -11.76 11.03 2.31
N SER A 180 -12.52 10.40 1.42
CA SER A 180 -12.74 8.93 1.40
C SER A 180 -11.52 8.28 0.72
N PHE A 181 -10.75 7.49 1.47
CA PHE A 181 -9.77 6.54 0.88
C PHE A 181 -10.42 5.81 -0.29
N VAL A 182 -11.56 5.19 -0.06
CA VAL A 182 -12.24 4.35 -1.09
C VAL A 182 -12.48 5.20 -2.33
N LYS A 183 -13.20 6.33 -2.19
CA LYS A 183 -13.79 7.05 -3.35
C LYS A 183 -12.71 7.85 -4.06
N GLU A 184 -11.70 8.35 -3.37
CA GLU A 184 -10.77 9.35 -3.93
C GLU A 184 -9.38 8.80 -4.18
N VAL A 185 -8.96 7.71 -3.52
CA VAL A 185 -7.58 7.19 -3.67
C VAL A 185 -7.59 5.77 -4.24
N SER A 186 -8.50 4.90 -3.77
CA SER A 186 -8.43 3.43 -3.96
C SER A 186 -8.35 3.06 -5.45
N ARG A 187 -9.02 3.82 -6.33
CA ARG A 187 -9.22 3.48 -7.76
C ARG A 187 -8.06 3.98 -8.62
N ALA A 188 -7.07 4.65 -8.05
CA ALA A 188 -5.96 5.24 -8.84
C ALA A 188 -5.02 4.11 -9.24
N ARG A 189 -4.90 3.91 -10.55
CA ARG A 189 -4.12 2.82 -11.17
C ARG A 189 -2.66 3.22 -11.36
N THR A 190 -1.83 2.18 -11.29
CA THR A 190 -0.44 2.09 -11.76
C THR A 190 -0.30 2.72 -13.14
N PHE A 191 0.86 3.33 -13.43
CA PHE A 191 1.20 3.94 -14.74
C PHE A 191 2.65 3.61 -15.13
N GLY A 192 2.94 3.62 -16.43
CA GLY A 192 4.28 3.39 -17.01
C GLY A 192 4.37 3.96 -18.40
N PHE A 193 5.57 4.38 -18.81
CA PHE A 193 5.87 4.96 -20.13
C PHE A 193 6.29 3.82 -21.07
N MET A 194 5.79 3.83 -22.31
CA MET A 194 6.19 2.94 -23.44
C MET A 194 7.69 2.63 -23.42
N ARG A 195 8.56 3.63 -23.39
CA ARG A 195 10.04 3.49 -23.41
C ARG A 195 10.47 2.43 -22.37
N ASP A 196 9.99 2.60 -21.14
CA ASP A 196 10.37 1.78 -19.96
C ASP A 196 9.78 0.37 -20.08
N ILE A 197 8.53 0.29 -20.52
CA ILE A 197 7.78 -0.99 -20.59
C ILE A 197 8.47 -1.91 -21.62
N GLU A 198 8.89 -1.37 -22.76
CA GLU A 198 9.52 -2.17 -23.84
C GLU A 198 10.88 -2.66 -23.33
N TYR A 199 11.60 -1.84 -22.56
CA TYR A 199 12.87 -2.25 -21.92
C TYR A 199 12.63 -3.37 -20.89
N LEU A 200 11.61 -3.25 -20.03
CA LEU A 200 11.26 -4.32 -19.04
C LEU A 200 10.88 -5.61 -19.77
N ARG A 201 10.04 -5.55 -20.81
CA ARG A 201 9.65 -6.71 -21.66
C ARG A 201 10.91 -7.29 -22.31
N SER A 202 11.82 -6.43 -22.80
CA SER A 202 13.15 -6.80 -23.33
C SER A 202 13.93 -7.60 -22.27
N GLN A 203 13.68 -7.32 -20.98
CA GLN A 203 14.33 -7.99 -19.84
C GLN A 203 13.51 -9.23 -19.42
N ASN A 204 12.46 -9.55 -20.15
CA ASN A 204 11.50 -10.64 -19.79
C ASN A 204 10.87 -10.29 -18.43
N LEU A 205 10.37 -9.05 -18.29
CA LEU A 205 9.63 -8.53 -17.11
C LEU A 205 8.43 -7.73 -17.59
N ALA A 206 7.59 -7.25 -16.65
CA ALA A 206 6.27 -6.65 -16.91
C ALA A 206 5.47 -7.57 -17.83
N LEU A 207 5.70 -8.88 -17.75
CA LEU A 207 5.13 -9.90 -18.67
C LEU A 207 3.62 -9.92 -18.56
N GLY A 208 3.05 -9.52 -17.41
CA GLY A 208 1.59 -9.41 -17.18
C GLY A 208 1.01 -8.05 -17.53
N GLY A 209 1.81 -7.12 -18.03
CA GLY A 209 1.37 -5.74 -18.35
C GLY A 209 0.28 -5.69 -19.39
N SER A 210 -0.73 -4.86 -19.19
CA SER A 210 -1.85 -4.67 -20.15
C SER A 210 -2.63 -3.42 -19.75
N VAL A 211 -3.37 -2.86 -20.71
CA VAL A 211 -4.25 -1.70 -20.46
C VAL A 211 -5.30 -2.09 -19.41
N GLU A 212 -5.46 -3.39 -19.12
CA GLU A 212 -6.45 -3.87 -18.12
C GLU A 212 -5.96 -3.55 -16.70
N ASN A 213 -4.65 -3.38 -16.50
CA ASN A 213 -4.07 -3.29 -15.13
C ASN A 213 -3.08 -2.13 -15.01
N ALA A 214 -2.95 -1.27 -16.05
CA ALA A 214 -2.01 -0.12 -16.00
C ALA A 214 -2.42 0.99 -16.98
N ILE A 215 -2.12 2.22 -16.59
CA ILE A 215 -2.19 3.39 -17.49
C ILE A 215 -0.90 3.41 -18.30
N VAL A 216 -0.98 3.24 -19.62
CA VAL A 216 0.23 3.26 -20.50
C VAL A 216 0.34 4.66 -21.12
N VAL A 217 1.50 5.28 -20.96
CA VAL A 217 1.73 6.69 -21.36
C VAL A 217 2.86 6.77 -22.39
N ASP A 218 2.64 7.53 -23.48
CA ASP A 218 3.62 8.01 -24.51
C ASP A 218 4.55 9.11 -23.97
N GLU A 219 5.37 9.67 -24.86
CA GLU A 219 6.02 10.99 -24.59
C GLU A 219 4.90 12.04 -24.43
N ASN A 220 3.76 11.90 -25.15
CA ASN A 220 2.69 12.93 -25.18
C ASN A 220 1.45 12.58 -24.36
N ARG A 221 1.04 11.31 -24.26
CA ARG A 221 -0.38 11.02 -23.91
C ARG A 221 -0.62 9.61 -23.35
N VAL A 222 -1.77 9.48 -22.67
CA VAL A 222 -2.34 8.19 -22.19
C VAL A 222 -2.83 7.42 -23.40
N LEU A 223 -2.30 6.21 -23.60
CA LEU A 223 -2.66 5.34 -24.74
C LEU A 223 -3.89 4.49 -24.40
N ASN A 224 -4.31 4.40 -23.13
CA ASN A 224 -5.55 3.66 -22.74
C ASN A 224 -6.76 4.39 -23.34
N GLU A 225 -7.52 3.73 -24.20
CA GLU A 225 -8.62 4.36 -24.97
C GLU A 225 -9.69 4.89 -23.99
N ASP A 226 -9.86 4.25 -22.84
CA ASP A 226 -10.98 4.56 -21.90
C ASP A 226 -10.57 5.68 -20.93
N GLY A 227 -9.30 6.08 -20.92
CA GLY A 227 -8.83 7.31 -20.24
C GLY A 227 -8.53 7.09 -18.76
N LEU A 228 -8.58 8.18 -18.01
CA LEU A 228 -8.21 8.29 -16.58
C LEU A 228 -9.46 8.18 -15.72
N ARG A 229 -9.29 7.70 -14.49
CA ARG A 229 -10.35 7.68 -13.46
C ARG A 229 -10.36 9.02 -12.72
N TYR A 230 -9.21 9.66 -12.66
CA TYR A 230 -9.09 10.99 -12.02
C TYR A 230 -8.15 11.82 -12.86
N GLU A 231 -8.41 13.13 -12.88
CA GLU A 231 -7.57 14.08 -13.63
C GLU A 231 -6.16 14.00 -13.03
N ASP A 232 -6.05 13.74 -11.73
CA ASP A 232 -4.74 13.60 -11.05
C ASP A 232 -4.49 12.13 -10.67
N GLU A 233 -4.81 11.17 -11.55
CA GLU A 233 -4.73 9.72 -11.20
C GLU A 233 -3.29 9.31 -10.87
N PHE A 234 -2.31 9.91 -11.53
CA PHE A 234 -0.87 9.57 -11.38
C PHE A 234 -0.41 9.82 -9.95
N VAL A 235 -0.64 11.03 -9.44
CA VAL A 235 -0.16 11.42 -8.09
C VAL A 235 -1.03 10.73 -7.05
N LYS A 236 -2.32 10.51 -7.32
CA LYS A 236 -3.21 9.76 -6.39
C LYS A 236 -2.69 8.32 -6.25
N HIS A 237 -2.26 7.68 -7.34
CA HIS A 237 -1.58 6.37 -7.26
C HIS A 237 -0.32 6.43 -6.40
N LYS A 238 0.49 7.48 -6.50
CA LYS A 238 1.70 7.56 -5.65
C LYS A 238 1.27 7.66 -4.18
N ILE A 239 0.13 8.30 -3.92
CA ILE A 239 -0.39 8.41 -2.52
C ILE A 239 -0.84 7.02 -2.07
N LEU A 240 -1.48 6.25 -2.96
CA LEU A 240 -1.95 4.87 -2.68
C LEU A 240 -0.72 4.03 -2.27
N ASP A 241 0.33 4.09 -3.11
CA ASP A 241 1.60 3.36 -2.92
C ASP A 241 2.21 3.72 -1.58
N ALA A 242 2.27 5.01 -1.26
CA ALA A 242 2.84 5.54 0.02
C ALA A 242 2.03 5.00 1.22
N ILE A 243 0.71 4.96 1.13
CA ILE A 243 -0.10 4.45 2.26
C ILE A 243 0.23 2.97 2.48
N GLY A 244 0.40 2.21 1.40
CA GLY A 244 0.75 0.77 1.51
C GLY A 244 2.13 0.60 2.14
N ASP A 245 3.08 1.45 1.75
CA ASP A 245 4.48 1.41 2.26
C ASP A 245 4.49 1.76 3.74
N LEU A 246 3.67 2.73 4.16
CA LEU A 246 3.59 3.19 5.57
C LEU A 246 2.96 2.08 6.41
N TYR A 247 2.12 1.24 5.81
CA TYR A 247 1.40 0.22 6.61
C TYR A 247 2.38 -0.88 7.02
N LEU A 248 3.55 -0.93 6.39
CA LEU A 248 4.63 -1.88 6.78
C LEU A 248 5.12 -1.60 8.19
N LEU A 249 4.80 -0.41 8.74
CA LEU A 249 5.04 -0.10 10.17
C LEU A 249 4.25 -1.10 11.03
N GLY A 250 3.19 -1.71 10.48
CA GLY A 250 2.40 -2.74 11.17
C GLY A 250 1.21 -2.18 11.94
N ASN A 251 0.99 -0.86 11.90
CA ASN A 251 -0.16 -0.19 12.58
C ASN A 251 -0.52 1.09 11.84
N SER A 252 -1.76 1.54 11.96
CA SER A 252 -2.22 2.82 11.38
C SER A 252 -1.42 3.96 12.01
N LEU A 253 -1.31 5.05 11.26
CA LEU A 253 -0.46 6.23 11.53
C LEU A 253 -1.35 7.38 12.07
N ILE A 254 -0.96 7.97 13.19
CA ILE A 254 -1.38 9.34 13.59
C ILE A 254 -0.23 10.30 13.22
N GLY A 255 -0.39 10.95 12.08
CA GLY A 255 0.60 11.89 11.55
C GLY A 255 0.35 12.25 10.11
N GLU A 256 1.28 13.03 9.59
CA GLU A 256 1.28 13.53 8.20
C GLU A 256 2.48 12.91 7.48
N PHE A 257 2.31 12.51 6.22
CA PHE A 257 3.42 12.11 5.34
C PHE A 257 3.48 13.04 4.13
N ARG A 258 4.67 13.51 3.81
CA ARG A 258 4.95 14.35 2.62
C ARG A 258 6.00 13.67 1.77
N GLY A 259 5.65 13.32 0.53
CA GLY A 259 6.58 12.76 -0.46
C GLY A 259 6.88 13.76 -1.55
N PHE A 260 8.16 13.93 -1.86
CA PHE A 260 8.61 14.73 -3.02
C PHE A 260 9.46 13.82 -3.91
N LYS A 261 8.84 13.29 -4.96
CA LYS A 261 9.47 12.37 -5.95
C LYS A 261 10.02 11.13 -5.24
N SER A 262 9.39 10.79 -4.12
CA SER A 262 9.63 9.59 -3.29
C SER A 262 9.18 8.33 -4.03
N GLY A 263 9.70 7.18 -3.64
CA GLY A 263 9.33 5.86 -4.18
C GLY A 263 9.49 4.85 -3.08
N HIS A 264 9.40 3.55 -3.42
CA HIS A 264 9.38 2.46 -2.42
C HIS A 264 10.68 2.48 -1.63
N ALA A 265 11.80 2.76 -2.33
CA ALA A 265 13.16 2.77 -1.74
C ALA A 265 13.21 3.80 -0.62
N LEU A 266 12.93 5.06 -0.93
CA LEU A 266 13.03 6.18 0.04
C LEU A 266 11.96 6.04 1.14
N ASN A 267 10.75 5.58 0.81
CA ASN A 267 9.66 5.34 1.78
C ASN A 267 10.15 4.35 2.84
N ASN A 268 10.78 3.26 2.39
CA ASN A 268 11.34 2.23 3.29
C ASN A 268 12.50 2.82 4.11
N GLN A 269 13.31 3.69 3.50
CA GLN A 269 14.38 4.41 4.26
C GLN A 269 13.72 5.24 5.36
N LEU A 270 12.60 5.92 5.05
CA LEU A 270 11.90 6.75 6.06
C LEU A 270 11.43 5.84 7.20
N LEU A 271 10.87 4.67 6.88
CA LEU A 271 10.28 3.79 7.92
C LEU A 271 11.39 3.30 8.86
N ARG A 272 12.53 2.88 8.32
CA ARG A 272 13.69 2.38 9.12
C ARG A 272 14.23 3.49 10.03
N THR A 273 14.42 4.71 9.50
CA THR A 273 14.90 5.86 10.31
C THR A 273 13.90 6.15 11.42
N LEU A 274 12.61 6.16 11.12
CA LEU A 274 11.57 6.45 12.14
C LEU A 274 11.67 5.37 13.22
N ILE A 275 11.69 4.11 12.80
CA ILE A 275 11.64 3.00 13.78
C ILE A 275 12.84 3.18 14.72
N ALA A 276 14.01 3.53 14.15
CA ALA A 276 15.27 3.67 14.90
C ALA A 276 15.22 4.87 15.85
N ASP A 277 14.51 5.93 15.49
CA ASP A 277 14.46 7.14 16.36
C ASP A 277 13.20 7.07 17.23
N LYS A 278 13.31 6.38 18.38
CA LYS A 278 12.18 6.09 19.27
C LYS A 278 11.68 7.35 19.97
N ASP A 279 12.41 8.46 20.02
CA ASP A 279 11.80 9.72 20.51
C ASP A 279 10.80 10.29 19.50
N ALA A 280 10.79 9.83 18.26
CA ALA A 280 10.00 10.46 17.17
C ALA A 280 8.60 9.84 17.12
N TRP A 281 8.36 8.70 17.78
CA TRP A 281 7.03 8.03 17.75
C TRP A 281 6.72 7.33 19.07
N GLU A 282 5.45 7.03 19.28
CA GLU A 282 4.94 6.17 20.38
C GLU A 282 3.74 5.38 19.87
N VAL A 283 3.41 4.27 20.55
CA VAL A 283 2.24 3.40 20.28
C VAL A 283 1.12 3.96 21.15
N VAL A 284 -0.01 4.32 20.55
CA VAL A 284 -1.15 4.83 21.36
C VAL A 284 -2.35 3.96 21.02
N THR A 285 -3.25 3.82 21.99
CA THR A 285 -4.65 3.32 21.83
C THR A 285 -5.63 4.42 22.27
N PHE A 286 -6.90 4.25 21.91
CA PHE A 286 -8.01 5.18 22.25
C PHE A 286 -9.12 4.37 22.90
N GLU A 287 -9.25 4.46 24.22
CA GLU A 287 -10.31 3.82 25.02
C GLU A 287 -11.66 4.49 24.69
N ASP A 288 -11.66 5.70 24.15
CA ASP A 288 -12.91 6.43 23.79
C ASP A 288 -12.86 6.87 22.33
N ALA A 289 -13.58 6.18 21.45
CA ALA A 289 -13.51 6.48 20.00
C ALA A 289 -13.99 7.92 19.73
N ARG A 290 -14.71 8.54 20.65
CA ARG A 290 -15.28 9.90 20.46
C ARG A 290 -14.20 10.98 20.55
N THR A 291 -13.08 10.68 21.22
CA THR A 291 -12.03 11.69 21.45
C THR A 291 -10.85 11.36 20.53
N ALA A 292 -10.94 10.32 19.71
CA ALA A 292 -9.84 9.93 18.80
C ALA A 292 -9.75 10.93 17.64
N PRO A 293 -8.55 11.19 17.10
CA PRO A 293 -8.42 12.15 16.01
C PRO A 293 -8.66 11.53 14.63
N ILE A 294 -8.94 10.22 14.57
CA ILE A 294 -9.30 9.51 13.30
C ILE A 294 -10.55 8.67 13.55
N SER A 295 -11.22 8.27 12.47
CA SER A 295 -12.38 7.33 12.51
C SER A 295 -12.43 6.52 11.22
N TYR A 296 -12.98 5.32 11.34
CA TYR A 296 -13.13 4.34 10.24
C TYR A 296 -14.62 4.10 10.02
N MET A 297 -14.98 3.66 8.81
CA MET A 297 -16.38 3.35 8.47
C MET A 297 -16.87 2.18 9.35
N ARG A 298 -18.18 2.08 9.55
CA ARG A 298 -18.83 0.93 10.24
C ARG A 298 -18.23 -0.37 9.68
N PRO A 299 -18.14 -1.43 10.49
CA PRO A 299 -17.52 -2.68 10.05
C PRO A 299 -18.31 -3.33 8.90
C1 FY9 B . 0.47 -3.36 -23.01
C2 FY9 B . -0.21 -2.60 -22.07
C3 FY9 B . 0.40 -2.29 -20.85
C4 FY9 B . 1.69 -2.75 -20.58
C5 FY9 B . 2.36 -3.50 -21.53
C6 FY9 B . 1.76 -3.81 -22.75
C7 FY9 B . 2.26 -2.47 -19.47
C8 FY9 B . 2.83 -2.18 -18.48
C9 FY9 B . 3.51 -1.82 -17.44
C10 FY9 B . 4.55 -2.62 -16.98
C11 FY9 B . 5.29 -2.23 -15.87
C12 FY9 B . 4.99 -1.04 -15.21
C13 FY9 B . 3.96 -0.23 -15.69
C14 FY9 B . 3.22 -0.62 -16.80
C15 FY9 B . 5.80 -0.59 -14.03
C16 FY9 B . 5.39 -1.19 -12.66
C17 FY9 B . 6.26 -0.69 -11.50
C18 FY9 B . 5.75 -1.03 -10.08
N19 FY9 B . 4.31 -0.80 -9.97
C20 FY9 B . 3.50 -1.39 -11.00
C21 FY9 B . 3.96 -0.79 -12.33
C22 FY9 B . -0.18 -3.70 -24.34
O23 FY9 B . 0.29 -4.96 -24.79
C24 FY9 B . 3.68 -0.09 -9.05
C25 FY9 B . 4.46 0.64 -8.02
O26 FY9 B . 2.48 0.10 -9.07
C27 FY9 B . 4.59 1.98 -8.77
N28 FY9 B . 3.59 0.56 -6.82
C29 FY9 B . 6.04 2.44 -9.10
O30 FY9 B . 3.77 2.99 -8.16
S31 FY9 B . 6.26 3.95 -9.75
C32 FY9 B . 7.53 3.97 -10.87
O33 FY9 B . 6.50 4.82 -8.63
O34 FY9 B . 5.05 4.36 -10.41
ZN ZN C . 1.61 1.16 -7.21
#